data_5EEQ
#
_entry.id   5EEQ
#
_cell.length_a   37.081
_cell.length_b   63.811
_cell.length_c   52.040
_cell.angle_alpha   90.00
_cell.angle_beta   92.50
_cell.angle_gamma   90.00
#
_symmetry.space_group_name_H-M   'P 1 21 1'
#
loop_
_entity.id
_entity.type
_entity.pdbx_description
1 polymer 'Growth factor receptor-bound protein 7'
2 polymer 'Bicyclic Peptide Inhibitor'
3 non-polymer 'PHOSPHATE ION'
4 water water
#
loop_
_entity_poly.entity_id
_entity_poly.type
_entity_poly.pdbx_seq_one_letter_code
_entity_poly.pdbx_strand_id
1 'polypeptide(L)'
;GSPASGTSLSAAIHRTQLWFHGRISREESQRLIGQQGLVDGLFLVRESQRNPQGFVLSLCHLQKVKHYLILPSEEEGRLY
FSMDDGQTRFTDLLQLVEFHQLNRGILPCLLRHCCTRVAL
;
A,B
2 'polypeptide(L)' SFEGYDN(73C)FP(48V) L,M
#
loop_
_chem_comp.id
_chem_comp.type
_chem_comp.name
_chem_comp.formula
48V peptide-like '{[(2R)-2,3-diamino-3-oxopropyl]sulfanyl}acetic acid' 'C5 H10 N2 O3 S'
PO4 non-polymer 'PHOSPHATE ION' 'O4 P -3'
#
# COMPACT_ATOMS: atom_id res chain seq x y z
N HIS A 14 -5.35 -14.21 -6.09
CA HIS A 14 -6.62 -13.68 -5.59
C HIS A 14 -7.54 -14.81 -5.15
N ARG A 15 -7.90 -15.68 -6.08
CA ARG A 15 -8.75 -16.83 -5.79
C ARG A 15 -8.05 -17.79 -4.82
N THR A 16 -6.72 -17.84 -4.94
CA THR A 16 -5.90 -18.69 -4.08
C THR A 16 -5.91 -18.24 -2.63
N GLN A 17 -6.17 -16.96 -2.40
CA GLN A 17 -6.05 -16.38 -1.06
C GLN A 17 -7.09 -16.91 -0.08
N LEU A 18 -6.64 -17.19 1.13
CA LEU A 18 -7.48 -17.74 2.19
C LEU A 18 -8.61 -16.83 2.61
N TRP A 19 -8.41 -15.54 2.46
CA TRP A 19 -9.40 -14.58 2.91
C TRP A 19 -10.47 -14.29 1.84
N PHE A 20 -10.32 -14.90 0.66
CA PHE A 20 -11.27 -14.65 -0.43
C PHE A 20 -12.33 -15.75 -0.52
N HIS A 21 -13.59 -15.35 -0.44
CA HIS A 21 -14.70 -16.30 -0.36
C HIS A 21 -15.59 -16.34 -1.59
N GLY A 22 -15.22 -15.60 -2.63
CA GLY A 22 -15.97 -15.61 -3.88
C GLY A 22 -17.40 -15.11 -3.74
N ARG A 23 -18.31 -15.77 -4.45
CA ARG A 23 -19.71 -15.37 -4.46
C ARG A 23 -20.45 -15.82 -3.20
N ILE A 24 -20.42 -14.98 -2.17
CA ILE A 24 -21.27 -15.19 -1.00
C ILE A 24 -21.99 -13.90 -0.63
N SER A 25 -23.14 -14.02 0.03
CA SER A 25 -23.95 -12.86 0.35
C SER A 25 -23.46 -12.13 1.58
N ARG A 26 -24.02 -10.95 1.81
CA ARG A 26 -23.70 -10.16 2.98
C ARG A 26 -24.11 -10.92 4.24
N GLU A 27 -25.33 -11.45 4.24
CA GLU A 27 -25.80 -12.21 5.40
C GLU A 27 -24.89 -13.40 5.67
N GLU A 28 -24.44 -14.07 4.62
CA GLU A 28 -23.56 -15.23 4.78
C GLU A 28 -22.22 -14.81 5.38
N SER A 29 -21.66 -13.70 4.91
CA SER A 29 -20.40 -13.20 5.48
C SER A 29 -20.56 -12.92 6.97
N GLN A 30 -21.71 -12.39 7.36
CA GLN A 30 -21.94 -12.10 8.77
C GLN A 30 -22.08 -13.38 9.58
N ARG A 31 -22.67 -14.41 8.97
CA ARG A 31 -22.78 -15.69 9.64
C ARG A 31 -21.40 -16.33 9.83
N LEU A 32 -20.55 -16.24 8.82
CA LEU A 32 -19.21 -16.84 8.87
C LEU A 32 -18.33 -16.15 9.91
N ILE A 33 -18.37 -14.82 9.91
CA ILE A 33 -17.63 -14.02 10.88
C ILE A 33 -18.18 -14.30 12.29
N GLY A 34 -19.50 -14.48 12.38
CA GLY A 34 -20.12 -14.89 13.62
C GLY A 34 -19.62 -16.22 14.14
N GLN A 35 -19.40 -17.19 13.24
CA GLN A 35 -18.86 -18.50 13.61
C GLN A 35 -17.53 -18.39 14.34
N GLN A 36 -16.66 -17.55 13.80
CA GLN A 36 -15.28 -17.46 14.27
C GLN A 36 -15.12 -16.38 15.35
N GLY A 37 -16.22 -16.08 16.04
CA GLY A 37 -16.15 -15.39 17.31
C GLY A 37 -16.19 -13.88 17.35
N LEU A 38 -16.51 -13.24 16.23
CA LEU A 38 -16.59 -11.78 16.17
C LEU A 38 -15.33 -11.14 16.76
N VAL A 39 -14.18 -11.64 16.35
CA VAL A 39 -12.90 -11.12 16.80
C VAL A 39 -12.59 -9.80 16.09
N ASP A 40 -12.02 -8.85 16.82
CA ASP A 40 -11.70 -7.54 16.27
C ASP A 40 -10.68 -7.69 15.12
N GLY A 41 -11.02 -7.16 13.96
CA GLY A 41 -10.14 -7.23 12.81
C GLY A 41 -10.26 -8.51 11.99
N LEU A 42 -11.22 -9.35 12.36
CA LEU A 42 -11.55 -10.53 11.57
C LEU A 42 -12.19 -10.08 10.26
N PHE A 43 -11.76 -10.65 9.14
CA PHE A 43 -12.23 -10.15 7.84
C PHE A 43 -12.27 -11.20 6.74
N LEU A 44 -13.01 -10.88 5.68
CA LEU A 44 -12.97 -11.65 4.45
C LEU A 44 -13.24 -10.71 3.29
N VAL A 45 -12.92 -11.16 2.08
CA VAL A 45 -13.32 -10.44 0.89
C VAL A 45 -14.22 -11.34 0.06
N ARG A 46 -15.26 -10.76 -0.51
CA ARG A 46 -16.23 -11.52 -1.30
C ARG A 46 -16.67 -10.69 -2.49
N GLU A 47 -17.34 -11.33 -3.43
CA GLU A 47 -17.96 -10.59 -4.51
C GLU A 47 -19.18 -9.85 -3.95
N SER A 48 -19.42 -8.64 -4.46
CA SER A 48 -20.60 -7.86 -4.09
C SER A 48 -21.82 -8.38 -4.83
N GLN A 49 -22.92 -8.56 -4.09
CA GLN A 49 -24.17 -8.99 -4.70
C GLN A 49 -24.84 -7.83 -5.46
N ARG A 50 -24.77 -6.63 -4.89
CA ARG A 50 -25.38 -5.47 -5.53
C ARG A 50 -24.56 -4.96 -6.71
N ASN A 51 -23.26 -5.14 -6.62
CA ASN A 51 -22.33 -4.70 -7.66
C ASN A 51 -21.41 -5.85 -8.06
N PRO A 52 -21.89 -6.75 -8.93
CA PRO A 52 -21.18 -7.97 -9.30
C PRO A 52 -19.83 -7.73 -9.98
N GLN A 53 -19.58 -6.51 -10.44
CA GLN A 53 -18.28 -6.17 -11.02
C GLN A 53 -17.25 -5.89 -9.93
N GLY A 54 -17.71 -5.79 -8.69
CA GLY A 54 -16.86 -5.37 -7.61
C GLY A 54 -16.83 -6.37 -6.47
N PHE A 55 -16.27 -5.92 -5.36
CA PHE A 55 -16.06 -6.79 -4.20
C PHE A 55 -16.45 -6.08 -2.92
N VAL A 56 -16.57 -6.85 -1.85
CA VAL A 56 -16.80 -6.26 -0.53
C VAL A 56 -15.78 -6.81 0.46
N LEU A 57 -15.16 -5.89 1.20
CA LEU A 57 -14.35 -6.24 2.36
C LEU A 57 -15.30 -6.24 3.55
N SER A 58 -15.52 -7.40 4.13
CA SER A 58 -16.41 -7.54 5.27
C SER A 58 -15.54 -7.72 6.51
N LEU A 59 -15.68 -6.81 7.46
CA LEU A 59 -14.74 -6.66 8.55
C LEU A 59 -15.44 -6.53 9.89
N CYS A 60 -15.04 -7.34 10.86
CA CYS A 60 -15.60 -7.22 12.20
C CYS A 60 -14.79 -6.23 13.03
N HIS A 61 -15.47 -5.25 13.59
CA HIS A 61 -14.84 -4.30 14.51
C HIS A 61 -15.75 -4.08 15.69
N LEU A 62 -15.23 -4.37 16.89
CA LEU A 62 -16.01 -4.28 18.13
C LEU A 62 -17.34 -5.02 17.98
N GLN A 63 -17.25 -6.23 17.44
CA GLN A 63 -18.38 -7.17 17.37
C GLN A 63 -19.51 -6.72 16.46
N LYS A 64 -19.21 -5.75 15.59
CA LYS A 64 -20.13 -5.35 14.53
C LYS A 64 -19.47 -5.57 13.18
N VAL A 65 -20.21 -6.16 12.25
CA VAL A 65 -19.65 -6.42 10.93
C VAL A 65 -19.94 -5.26 9.98
N LYS A 66 -18.86 -4.72 9.40
CA LYS A 66 -18.94 -3.61 8.47
C LYS A 66 -18.62 -4.10 7.06
N HIS A 67 -19.15 -3.41 6.05
CA HIS A 67 -18.95 -3.83 4.69
C HIS A 67 -18.44 -2.69 3.84
N TYR A 68 -17.25 -2.87 3.27
CA TYR A 68 -16.60 -1.84 2.47
C TYR A 68 -16.57 -2.23 1.00
N LEU A 69 -17.27 -1.45 0.17
CA LEU A 69 -17.33 -1.70 -1.25
C LEU A 69 -15.99 -1.44 -1.92
N ILE A 70 -15.58 -2.37 -2.78
CA ILE A 70 -14.36 -2.24 -3.55
C ILE A 70 -14.73 -2.25 -5.03
N LEU A 71 -14.47 -1.15 -5.73
CA LEU A 71 -14.87 -1.03 -7.12
C LEU A 71 -13.68 -0.93 -8.07
N PRO A 72 -13.78 -1.58 -9.24
CA PRO A 72 -12.78 -1.43 -10.29
C PRO A 72 -12.94 -0.11 -11.04
N SER A 73 -11.82 0.49 -11.45
CA SER A 73 -11.84 1.61 -12.39
C SER A 73 -10.69 1.46 -13.36
N GLU A 74 -10.73 2.20 -14.45
CA GLU A 74 -9.67 2.14 -15.44
C GLU A 74 -9.11 3.54 -15.69
N GLU A 75 -7.81 3.69 -15.45
CA GLU A 75 -7.14 4.94 -15.78
C GLU A 75 -6.09 4.70 -16.87
N GLU A 76 -6.30 5.34 -18.02
CA GLU A 76 -5.45 5.16 -19.20
C GLU A 76 -5.31 3.68 -19.56
N GLY A 77 -6.43 2.96 -19.52
CA GLY A 77 -6.44 1.56 -19.89
C GLY A 77 -5.80 0.64 -18.86
N ARG A 78 -5.62 1.16 -17.65
CA ARG A 78 -5.01 0.38 -16.58
C ARG A 78 -5.96 0.21 -15.40
N LEU A 79 -6.36 -1.03 -15.14
CA LEU A 79 -7.32 -1.36 -14.09
C LEU A 79 -6.76 -1.16 -12.68
N TYR A 80 -7.54 -0.50 -11.82
CA TYR A 80 -7.22 -0.47 -10.39
C TYR A 80 -8.49 -0.66 -9.55
N PHE A 81 -8.29 -0.96 -8.29
CA PHE A 81 -9.40 -1.12 -7.34
C PHE A 81 -9.32 -0.06 -6.27
N SER A 82 -10.47 0.40 -5.80
CA SER A 82 -10.49 1.43 -4.76
C SER A 82 -11.74 1.36 -3.87
N MET A 83 -11.57 1.74 -2.61
CA MET A 83 -12.67 1.82 -1.67
C MET A 83 -13.09 3.28 -1.43
N ASP A 84 -12.41 4.22 -2.06
CA ASP A 84 -12.65 5.63 -1.79
C ASP A 84 -12.62 6.51 -3.03
N ASP A 85 -13.19 6.01 -4.12
CA ASP A 85 -13.35 6.76 -5.36
C ASP A 85 -12.01 7.20 -5.93
N GLY A 86 -10.99 6.36 -5.74
CA GLY A 86 -9.70 6.58 -6.37
C GLY A 86 -8.70 7.39 -5.56
N GLN A 87 -9.04 7.74 -4.33
CA GLN A 87 -8.07 8.42 -3.47
C GLN A 87 -6.93 7.47 -3.11
N THR A 88 -7.28 6.20 -2.90
CA THR A 88 -6.30 5.15 -2.63
C THR A 88 -6.54 4.01 -3.60
N ARG A 89 -5.51 3.64 -4.36
CA ARG A 89 -5.67 2.74 -5.48
C ARG A 89 -4.80 1.51 -5.36
N PHE A 90 -5.32 0.38 -5.83
CA PHE A 90 -4.61 -0.89 -5.76
C PHE A 90 -4.72 -1.67 -7.06
N THR A 91 -3.65 -2.39 -7.41
CA THR A 91 -3.63 -3.15 -8.65
C THR A 91 -4.54 -4.37 -8.57
N ASP A 92 -4.65 -4.95 -7.37
CA ASP A 92 -5.46 -6.14 -7.16
C ASP A 92 -5.87 -6.25 -5.71
N LEU A 93 -6.70 -7.25 -5.39
CA LEU A 93 -7.21 -7.40 -4.03
C LEU A 93 -6.10 -7.74 -3.05
N LEU A 94 -5.12 -8.51 -3.49
CA LEU A 94 -4.01 -8.87 -2.61
C LEU A 94 -3.27 -7.63 -2.12
N GLN A 95 -3.00 -6.68 -3.02
CA GLN A 95 -2.31 -5.47 -2.63
C GLN A 95 -3.14 -4.67 -1.64
N LEU A 96 -4.45 -4.65 -1.84
CA LEU A 96 -5.36 -3.92 -0.95
C LEU A 96 -5.32 -4.54 0.45
N VAL A 97 -5.46 -5.86 0.50
CA VAL A 97 -5.47 -6.57 1.79
C VAL A 97 -4.14 -6.38 2.50
N GLU A 98 -3.04 -6.55 1.78
CA GLU A 98 -1.72 -6.46 2.40
C GLU A 98 -1.45 -5.06 2.93
N PHE A 99 -1.92 -4.03 2.23
CA PHE A 99 -1.76 -2.68 2.72
C PHE A 99 -2.52 -2.47 4.04
N HIS A 100 -3.74 -2.99 4.10
CA HIS A 100 -4.59 -2.73 5.26
C HIS A 100 -4.37 -3.70 6.42
N GLN A 101 -3.44 -4.63 6.26
CA GLN A 101 -2.97 -5.43 7.39
C GLN A 101 -2.01 -4.58 8.24
N LEU A 102 -1.45 -3.53 7.65
CA LEU A 102 -0.45 -2.69 8.33
C LEU A 102 -0.90 -1.24 8.53
N ASN A 103 -1.82 -0.80 7.67
CA ASN A 103 -2.31 0.58 7.68
C ASN A 103 -3.84 0.61 7.70
N ARG A 104 -4.44 1.40 8.58
CA ARG A 104 -5.88 1.38 8.68
C ARG A 104 -6.55 2.06 7.48
N GLY A 105 -5.91 3.08 6.92
CA GLY A 105 -6.52 3.82 5.83
C GLY A 105 -7.88 4.35 6.25
N ILE A 106 -8.92 4.10 5.43
CA ILE A 106 -10.27 4.51 5.79
C ILE A 106 -10.97 3.56 6.76
N LEU A 107 -10.35 2.41 7.06
CA LEU A 107 -10.96 1.41 7.93
C LEU A 107 -10.85 1.79 9.41
N PRO A 108 -11.78 1.27 10.24
CA PRO A 108 -11.78 1.57 11.68
C PRO A 108 -10.74 0.76 12.44
N CYS A 109 -10.20 -0.27 11.80
CA CYS A 109 -9.16 -1.11 12.41
C CYS A 109 -8.39 -1.82 11.32
N LEU A 110 -7.25 -2.39 11.69
CA LEU A 110 -6.46 -3.21 10.79
C LEU A 110 -7.16 -4.52 10.46
N LEU A 111 -6.78 -5.09 9.31
CA LEU A 111 -7.15 -6.45 8.96
C LEU A 111 -6.22 -7.41 9.70
N ARG A 112 -6.73 -8.04 10.75
CA ARG A 112 -5.88 -8.82 11.67
C ARG A 112 -5.92 -10.32 11.43
N HIS A 113 -7.12 -10.84 11.21
CA HIS A 113 -7.30 -12.29 11.11
C HIS A 113 -8.17 -12.63 9.92
N CYS A 114 -7.73 -13.59 9.11
CA CYS A 114 -8.52 -14.07 7.99
C CYS A 114 -9.67 -14.95 8.45
N CYS A 115 -10.87 -14.65 7.97
CA CYS A 115 -11.98 -15.56 8.10
C CYS A 115 -11.81 -16.63 7.02
N THR A 116 -11.61 -17.87 7.45
CA THR A 116 -11.29 -18.95 6.52
C THR A 116 -12.53 -19.48 5.81
N ALA B 12 15.47 -8.64 2.01
CA ALA B 12 16.46 -8.97 1.00
C ALA B 12 15.80 -9.31 -0.33
N ILE B 13 14.47 -9.33 -0.34
CA ILE B 13 13.71 -9.66 -1.54
C ILE B 13 13.78 -8.52 -2.56
N HIS B 14 14.11 -7.32 -2.07
CA HIS B 14 14.29 -6.16 -2.93
C HIS B 14 15.51 -6.30 -3.84
N ARG B 15 16.42 -7.20 -3.46
CA ARG B 15 17.67 -7.39 -4.20
C ARG B 15 17.46 -7.83 -5.65
N THR B 16 16.38 -8.57 -5.90
CA THR B 16 16.09 -9.06 -7.25
C THR B 16 15.54 -7.97 -8.15
N GLN B 17 15.00 -6.93 -7.54
CA GLN B 17 14.32 -5.87 -8.29
C GLN B 17 15.30 -4.95 -9.00
N LEU B 18 14.99 -4.62 -10.24
CA LEU B 18 15.88 -3.83 -11.09
C LEU B 18 16.05 -2.39 -10.60
N TRP B 19 15.07 -1.90 -9.84
CA TRP B 19 15.15 -0.54 -9.32
C TRP B 19 16.00 -0.44 -8.04
N PHE B 20 16.50 -1.58 -7.56
CA PHE B 20 17.33 -1.56 -6.35
C PHE B 20 18.81 -1.60 -6.73
N HIS B 21 19.57 -0.62 -6.26
CA HIS B 21 20.97 -0.47 -6.64
C HIS B 21 21.95 -0.75 -5.51
N GLY B 22 21.43 -1.18 -4.36
CA GLY B 22 22.29 -1.55 -3.26
C GLY B 22 23.11 -0.39 -2.71
N ARG B 23 24.37 -0.67 -2.43
CA ARG B 23 25.26 0.33 -1.85
C ARG B 23 25.78 1.28 -2.90
N ILE B 24 24.97 2.26 -3.28
CA ILE B 24 25.48 3.38 -4.05
C ILE B 24 25.19 4.68 -3.32
N SER B 25 26.00 5.69 -3.61
CA SER B 25 25.95 6.95 -2.89
C SER B 25 24.88 7.91 -3.42
N ARG B 26 24.63 8.98 -2.68
CA ARG B 26 23.65 9.98 -3.08
C ARG B 26 24.07 10.62 -4.41
N GLU B 27 25.35 11.01 -4.48
CA GLU B 27 25.88 11.61 -5.70
C GLU B 27 25.77 10.66 -6.89
N GLU B 28 26.08 9.38 -6.66
CA GLU B 28 25.98 8.38 -7.72
C GLU B 28 24.55 8.20 -8.20
N SER B 29 23.59 8.19 -7.27
CA SER B 29 22.19 8.07 -7.66
C SER B 29 21.79 9.23 -8.56
N GLN B 30 22.30 10.41 -8.25
CA GLN B 30 21.95 11.59 -9.05
C GLN B 30 22.58 11.53 -10.43
N ARG B 31 23.79 11.00 -10.51
CA ARG B 31 24.45 10.82 -11.80
C ARG B 31 23.66 9.82 -12.66
N LEU B 32 23.27 8.70 -12.04
CA LEU B 32 22.52 7.66 -12.75
C LEU B 32 21.16 8.16 -13.26
N ILE B 33 20.44 8.87 -12.39
CA ILE B 33 19.15 9.43 -12.78
C ILE B 33 19.35 10.45 -13.90
N GLY B 34 20.45 11.19 -13.83
CA GLY B 34 20.83 12.10 -14.90
C GLY B 34 21.05 11.39 -16.22
N GLN B 35 21.65 10.19 -16.15
CA GLN B 35 21.91 9.39 -17.34
C GLN B 35 20.64 9.06 -18.10
N GLN B 36 19.59 8.73 -17.36
CA GLN B 36 18.34 8.28 -17.96
C GLN B 36 17.35 9.43 -18.16
N GLY B 37 17.88 10.65 -18.22
CA GLY B 37 17.15 11.78 -18.77
C GLY B 37 16.29 12.65 -17.86
N LEU B 38 16.44 12.51 -16.55
CA LEU B 38 15.70 13.31 -15.58
C LEU B 38 14.21 13.33 -15.87
N VAL B 39 13.66 12.15 -16.15
CA VAL B 39 12.24 12.02 -16.43
C VAL B 39 11.43 12.10 -15.14
N ASP B 40 10.28 12.75 -15.18
CA ASP B 40 9.43 12.91 -14.00
C ASP B 40 8.99 11.53 -13.48
N GLY B 41 9.27 11.26 -12.21
CA GLY B 41 8.89 9.99 -11.61
C GLY B 41 9.90 8.88 -11.79
N LEU B 42 11.04 9.19 -12.39
CA LEU B 42 12.15 8.25 -12.50
C LEU B 42 12.75 8.05 -11.12
N PHE B 43 12.96 6.79 -10.73
CA PHE B 43 13.40 6.51 -9.36
C PHE B 43 14.33 5.31 -9.25
N LEU B 44 15.02 5.24 -8.11
CA LEU B 44 15.72 4.04 -7.72
C LEU B 44 15.65 3.94 -6.19
N VAL B 45 15.97 2.76 -5.67
CA VAL B 45 16.11 2.59 -4.23
C VAL B 45 17.54 2.11 -3.97
N ARG B 46 18.13 2.59 -2.89
CA ARG B 46 19.51 2.27 -2.56
C ARG B 46 19.68 2.23 -1.05
N GLU B 47 20.79 1.68 -0.59
CA GLU B 47 21.10 1.73 0.84
C GLU B 47 21.49 3.15 1.19
N SER B 48 21.15 3.58 2.39
CA SER B 48 21.53 4.90 2.86
C SER B 48 22.96 4.91 3.39
N GLN B 49 23.73 5.92 3.01
CA GLN B 49 25.11 6.02 3.46
C GLN B 49 25.20 6.56 4.87
N ARG B 50 24.34 7.53 5.18
CA ARG B 50 24.32 8.11 6.53
C ARG B 50 23.63 7.19 7.52
N ASN B 51 22.77 6.35 6.99
CA ASN B 51 21.83 5.52 7.72
C ASN B 51 21.81 4.07 7.19
N PRO B 52 22.91 3.35 7.43
CA PRO B 52 23.18 2.02 6.89
C PRO B 52 22.13 0.97 7.26
N GLN B 53 21.37 1.20 8.33
CA GLN B 53 20.28 0.30 8.68
C GLN B 53 19.07 0.53 7.75
N GLY B 54 19.09 1.65 7.03
CA GLY B 54 17.96 2.04 6.19
C GLY B 54 18.24 2.20 4.71
N PHE B 55 17.27 2.76 4.01
CA PHE B 55 17.35 2.87 2.56
C PHE B 55 16.97 4.27 2.12
N VAL B 56 17.26 4.60 0.87
CA VAL B 56 16.80 5.86 0.32
C VAL B 56 16.09 5.64 -1.00
N LEU B 57 14.90 6.22 -1.12
CA LEU B 57 14.17 6.30 -2.38
C LEU B 57 14.60 7.60 -3.06
N SER B 58 15.34 7.47 -4.16
CA SER B 58 15.83 8.64 -4.88
C SER B 58 14.96 8.83 -6.12
N LEU B 59 14.32 9.99 -6.20
CA LEU B 59 13.22 10.20 -7.14
C LEU B 59 13.40 11.53 -7.87
N CYS B 60 13.27 11.49 -9.19
CA CYS B 60 13.36 12.71 -9.97
C CYS B 60 11.97 13.31 -10.11
N HIS B 61 11.84 14.59 -9.79
CA HIS B 61 10.59 15.31 -9.97
C HIS B 61 10.90 16.71 -10.48
N LEU B 62 10.36 17.06 -11.65
CA LEU B 62 10.63 18.33 -12.30
C LEU B 62 12.15 18.57 -12.40
N GLN B 63 12.86 17.54 -12.84
CA GLN B 63 14.29 17.60 -13.11
C GLN B 63 15.14 17.89 -11.89
N LYS B 64 14.58 17.65 -10.70
CA LYS B 64 15.34 17.71 -9.45
C LYS B 64 15.28 16.36 -8.77
N VAL B 65 16.42 15.88 -8.28
CA VAL B 65 16.44 14.59 -7.60
C VAL B 65 16.24 14.78 -6.11
N LYS B 66 15.23 14.09 -5.59
CA LYS B 66 14.88 14.15 -4.17
C LYS B 66 15.22 12.82 -3.53
N HIS B 67 15.47 12.83 -2.22
CA HIS B 67 15.89 11.63 -1.52
C HIS B 67 15.04 11.40 -0.28
N TYR B 68 14.35 10.27 -0.26
CA TYR B 68 13.42 9.94 0.81
C TYR B 68 13.97 8.80 1.65
N LEU B 69 14.25 9.11 2.92
CA LEU B 69 14.77 8.11 3.83
C LEU B 69 13.72 7.07 4.17
N ILE B 70 14.12 5.81 4.12
CA ILE B 70 13.26 4.69 4.50
C ILE B 70 13.92 4.00 5.67
N LEU B 71 13.23 3.97 6.81
CA LEU B 71 13.80 3.39 8.03
C LEU B 71 13.03 2.17 8.50
N PRO B 72 13.76 1.15 8.99
CA PRO B 72 13.12 -0.01 9.61
C PRO B 72 12.67 0.28 11.03
N SER B 73 11.57 -0.35 11.44
CA SER B 73 11.13 -0.30 12.83
C SER B 73 10.50 -1.62 13.19
N GLU B 74 10.32 -1.84 14.49
CA GLU B 74 9.72 -3.06 14.99
C GLU B 74 8.42 -2.76 15.71
N GLU B 75 7.38 -3.51 15.39
CA GLU B 75 6.12 -3.43 16.12
C GLU B 75 5.80 -4.81 16.67
N GLU B 76 6.03 -4.98 17.96
CA GLU B 76 5.88 -6.28 18.64
C GLU B 76 6.73 -7.35 17.95
N GLY B 77 7.96 -6.99 17.60
CA GLY B 77 8.87 -7.93 16.98
C GLY B 77 8.60 -8.15 15.50
N ARG B 78 7.72 -7.32 14.92
CA ARG B 78 7.40 -7.44 13.51
C ARG B 78 7.97 -6.27 12.72
N LEU B 79 8.96 -6.55 11.88
CA LEU B 79 9.66 -5.53 11.11
C LEU B 79 8.77 -4.85 10.08
N TYR B 80 8.85 -3.51 10.02
CA TYR B 80 8.24 -2.77 8.92
C TYR B 80 9.16 -1.63 8.50
N PHE B 81 8.85 -1.06 7.35
CA PHE B 81 9.60 0.07 6.80
C PHE B 81 8.67 1.27 6.64
N SER B 82 9.20 2.46 6.89
CA SER B 82 8.39 3.67 6.77
C SER B 82 9.22 4.89 6.38
N MET B 83 8.57 5.80 5.66
CA MET B 83 9.18 7.08 5.27
C MET B 83 8.61 8.22 6.11
N ASP B 84 7.67 7.91 7.01
CA ASP B 84 7.02 8.96 7.76
C ASP B 84 6.79 8.62 9.23
N ASP B 85 7.80 8.00 9.84
CA ASP B 85 7.78 7.70 11.27
C ASP B 85 6.60 6.81 11.66
N GLY B 86 6.20 5.94 10.74
CA GLY B 86 5.25 4.90 11.07
C GLY B 86 3.81 5.24 10.72
N GLN B 87 3.59 6.41 10.14
CA GLN B 87 2.25 6.78 9.72
C GLN B 87 1.80 5.88 8.57
N THR B 88 2.74 5.54 7.68
CA THR B 88 2.47 4.60 6.60
C THR B 88 3.55 3.52 6.64
N ARG B 89 3.12 2.26 6.74
CA ARG B 89 4.06 1.16 7.03
C ARG B 89 4.03 0.09 5.94
N PHE B 90 5.20 -0.51 5.67
CA PHE B 90 5.33 -1.53 4.64
C PHE B 90 6.16 -2.71 5.12
N THR B 91 5.79 -3.91 4.69
CA THR B 91 6.49 -5.11 5.12
C THR B 91 7.88 -5.17 4.51
N ASP B 92 8.01 -4.65 3.29
CA ASP B 92 9.28 -4.65 2.60
C ASP B 92 9.33 -3.54 1.56
N LEU B 93 10.48 -3.40 0.91
CA LEU B 93 10.67 -2.33 -0.06
C LEU B 93 9.77 -2.51 -1.28
N LEU B 94 9.56 -3.76 -1.70
CA LEU B 94 8.72 -4.02 -2.87
C LEU B 94 7.30 -3.48 -2.66
N GLN B 95 6.72 -3.76 -1.48
CA GLN B 95 5.39 -3.26 -1.17
C GLN B 95 5.36 -1.73 -1.16
N LEU B 96 6.42 -1.11 -0.65
CA LEU B 96 6.53 0.34 -0.63
C LEU B 96 6.53 0.87 -2.06
N VAL B 97 7.36 0.29 -2.91
CA VAL B 97 7.48 0.76 -4.28
C VAL B 97 6.16 0.56 -5.03
N GLU B 98 5.56 -0.61 -4.89
CA GLU B 98 4.32 -0.91 -5.61
C GLU B 98 3.19 0.01 -5.17
N PHE B 99 3.16 0.38 -3.90
CA PHE B 99 2.12 1.30 -3.42
C PHE B 99 2.28 2.66 -4.07
N HIS B 100 3.52 3.13 -4.15
CA HIS B 100 3.77 4.48 -4.63
C HIS B 100 3.85 4.60 -6.14
N GLN B 101 3.67 3.48 -6.83
CA GLN B 101 3.48 3.51 -8.27
C GLN B 101 2.04 3.91 -8.62
N LEU B 102 1.14 3.78 -7.65
CA LEU B 102 -0.27 4.11 -7.86
C LEU B 102 -0.76 5.26 -6.98
N ASN B 103 -0.09 5.45 -5.84
CA ASN B 103 -0.48 6.44 -4.83
C ASN B 103 0.69 7.33 -4.48
N ARG B 104 0.48 8.64 -4.48
CA ARG B 104 1.61 9.53 -4.20
C ARG B 104 2.06 9.47 -2.74
N GLY B 105 1.13 9.31 -1.82
CA GLY B 105 1.49 9.33 -0.41
C GLY B 105 2.14 10.66 -0.06
N ILE B 106 3.31 10.60 0.60
CA ILE B 106 4.01 11.83 0.94
C ILE B 106 4.86 12.34 -0.22
N LEU B 107 4.93 11.56 -1.30
CA LEU B 107 5.81 11.90 -2.43
C LEU B 107 5.19 12.96 -3.31
N PRO B 108 6.02 13.76 -3.99
CA PRO B 108 5.47 14.83 -4.84
C PRO B 108 4.92 14.32 -6.17
N CYS B 109 5.25 13.08 -6.52
CA CYS B 109 4.77 12.46 -7.75
C CYS B 109 4.82 10.95 -7.61
N LEU B 110 4.14 10.25 -8.52
CA LEU B 110 4.18 8.79 -8.54
C LEU B 110 5.53 8.28 -8.99
N LEU B 111 5.87 7.07 -8.55
CA LEU B 111 7.01 6.35 -9.11
C LEU B 111 6.62 5.83 -10.48
N ARG B 112 7.23 6.37 -11.54
CA ARG B 112 6.78 6.05 -12.89
C ARG B 112 7.74 5.16 -13.67
N HIS B 113 9.03 5.41 -13.52
CA HIS B 113 10.01 4.69 -14.32
C HIS B 113 11.18 4.23 -13.46
N CYS B 114 11.55 2.96 -13.61
CA CYS B 114 12.66 2.38 -12.86
CA CYS B 114 12.66 2.39 -12.86
C CYS B 114 14.00 2.79 -13.47
N CYS B 115 14.97 3.08 -12.61
CA CYS B 115 16.30 3.46 -13.07
C CYS B 115 17.24 2.25 -13.07
N SER C 1 -19.71 7.24 1.11
CA SER C 1 -19.69 7.56 -0.32
C SER C 1 -20.55 6.59 -1.15
N PHE C 2 -20.87 5.44 -0.57
CA PHE C 2 -21.73 4.46 -1.23
C PHE C 2 -22.91 4.08 -0.33
N GLU C 3 -24.12 4.36 -0.79
CA GLU C 3 -25.31 3.97 -0.03
C GLU C 3 -25.31 2.48 0.23
N GLY C 4 -25.44 2.09 1.50
CA GLY C 4 -25.53 0.68 1.83
C GLY C 4 -24.19 0.04 2.16
N TYR C 5 -23.14 0.85 2.25
CA TYR C 5 -21.80 0.39 2.62
C TYR C 5 -21.21 1.33 3.64
N ASP C 6 -20.15 0.89 4.31
CA ASP C 6 -19.58 1.64 5.41
C ASP C 6 -18.40 2.53 5.02
N ASN C 7 -18.07 2.57 3.73
CA ASN C 7 -16.95 3.38 3.25
C ASN C 7 -17.09 4.83 3.66
N 73C C 8 -16.16 5.33 4.47
CA 73C C 8 -16.14 6.73 4.88
C 73C C 8 -17.48 7.17 5.50
O 73C C 8 -17.93 8.29 5.30
CB 73C C 8 -15.78 7.62 3.70
OG 73C C 8 -14.43 7.40 3.31
C1 73C C 8 -14.21 7.76 2.06
C2 73C C 8 -15.20 7.93 0.99
C3 73C C 8 -15.20 7.23 -0.12
C4 73C C 8 -16.34 6.39 -0.53
N PHE C 9 -18.09 6.27 6.25
CA PHE C 9 -19.28 6.57 7.04
C PHE C 9 -18.84 7.25 8.34
N PRO C 10 -19.59 8.25 8.83
CA PRO C 10 -20.84 8.80 8.30
C PRO C 10 -20.63 9.87 7.22
O10 48V C 11 -21.75 8.12 1.27
N01 48V C 11 -21.59 9.56 6.36
C02 48V C 11 -21.48 10.03 5.02
C03 48V C 11 -21.62 11.54 4.99
O04 48V C 11 -22.72 12.04 5.12
N05 48V C 11 -20.52 12.25 4.82
C06 48V C 11 -22.54 9.37 4.18
S07 48V C 11 -22.27 7.59 4.05
C08 48V C 11 -20.64 7.60 3.25
C09 48V C 11 -20.76 7.63 1.80
N SER D 1 10.91 15.93 8.59
CA SER D 1 11.03 14.67 9.32
C SER D 1 12.49 14.35 9.66
N PHE D 2 13.33 14.31 8.63
CA PHE D 2 14.71 13.89 8.76
C PHE D 2 15.65 14.91 8.14
N GLU D 3 16.56 15.47 8.94
CA GLU D 3 17.56 16.39 8.44
C GLU D 3 18.32 15.78 7.28
N GLY D 4 18.33 16.47 6.14
CA GLY D 4 19.11 16.03 5.00
C GLY D 4 18.36 15.10 4.05
N TYR D 5 17.07 14.94 4.28
CA TYR D 5 16.19 14.19 3.37
C TYR D 5 14.94 14.99 3.05
N ASP D 6 14.21 14.57 2.03
CA ASP D 6 13.09 15.37 1.55
C ASP D 6 11.75 14.92 2.11
N ASN D 7 11.77 13.92 3.00
CA ASN D 7 10.52 13.41 3.59
C ASN D 7 9.70 14.53 4.23
N 73C D 8 8.49 14.75 3.72
CA 73C D 8 7.58 15.74 4.28
C 73C D 8 8.23 17.12 4.38
O 73C D 8 7.98 17.88 5.32
CB 73C D 8 7.08 15.27 5.65
OG 73C D 8 6.31 14.08 5.48
C1 73C D 8 6.07 13.46 6.62
C2 73C D 8 7.27 12.65 6.94
C3 73C D 8 7.87 12.71 8.11
C4 73C D 8 9.04 11.87 8.46
N PHE D 9 9.08 17.42 3.41
CA PHE D 9 9.69 18.74 3.26
C PHE D 9 8.64 19.67 2.67
N PRO D 10 8.60 20.94 3.12
CA PRO D 10 9.47 21.57 4.12
C PRO D 10 8.98 21.36 5.56
O10 48V D 11 12.23 17.59 9.16
N01 48V D 11 10.04 21.45 6.34
C02 48V D 11 10.02 20.71 7.55
C03 48V D 11 9.32 21.50 8.64
O04 48V D 11 9.88 22.43 9.18
N05 48V D 11 8.08 21.12 8.96
C06 48V D 11 11.44 20.41 7.97
S07 48V D 11 12.22 19.20 6.88
C08 48V D 11 11.14 17.75 7.13
C09 48V D 11 11.54 17.05 8.34
P PO4 E . -23.58 -6.72 -0.99
O1 PO4 E . -23.17 -5.79 -2.12
O2 PO4 E . -23.18 -8.12 -1.36
O3 PO4 E . -25.06 -6.64 -0.79
O4 PO4 E . -22.89 -6.31 0.28
P PO4 F . 22.49 9.15 1.96
O1 PO4 F . 21.41 9.80 1.10
O2 PO4 F . 23.02 7.96 1.22
O3 PO4 F . 21.92 8.71 3.27
O4 PO4 F . 23.59 10.16 2.18
#